data_2WUL
#
_entry.id   2WUL
#
_cell.length_a   68.995
_cell.length_b   68.995
_cell.length_c   229.331
_cell.angle_alpha   90.00
_cell.angle_beta   90.00
_cell.angle_gamma   90.00
#
_symmetry.space_group_name_H-M   'P 43 21 2'
#
loop_
_entity.id
_entity.type
_entity.pdbx_description
1 polymer 'GLUTAREDOXIN RELATED PROTEIN 5'
2 non-polymer GLUTATHIONE
3 non-polymer 'FE2/S2 (INORGANIC) CLUSTER'
4 non-polymer 'CHLORIDE ION'
5 non-polymer DI(HYDROXYETHYL)ETHER
6 water water
#
_entity_poly.entity_id   1
_entity_poly.type   'polypeptide(L)'
_entity_poly.pdbx_seq_one_letter_code
;SMGAGGGGSAEQLDALVKKDKVVVFLKGTPEQPQCGFSNAVVQILRLHGVRDYAAYNVLDDPELRQGIKDYSNWPTIPQV
YLNGEFVGGCDILLQMHQNGDLVEELKKLGIHSALLDE
;
_entity_poly.pdbx_strand_id   A,B,C,D
#
# COMPACT_ATOMS: atom_id res chain seq x y z
N SER A 9 -19.04 -3.35 20.09
CA SER A 9 -19.67 -4.59 20.65
C SER A 9 -19.81 -5.64 19.58
N ALA A 10 -19.45 -6.87 19.95
CA ALA A 10 -19.77 -8.06 19.16
C ALA A 10 -21.30 -8.21 18.97
N GLU A 11 -22.05 -8.01 20.04
CA GLU A 11 -23.50 -8.09 19.99
C GLU A 11 -24.06 -7.20 18.86
N GLN A 12 -23.82 -5.90 18.95
CA GLN A 12 -24.35 -4.93 18.00
C GLN A 12 -23.86 -5.18 16.57
N LEU A 13 -22.61 -5.61 16.44
CA LEU A 13 -22.02 -5.86 15.14
C LEU A 13 -22.55 -7.11 14.45
N ASP A 14 -22.65 -8.20 15.21
CA ASP A 14 -23.32 -9.41 14.72
C ASP A 14 -24.72 -9.09 14.18
N ALA A 15 -25.46 -8.25 14.89
CA ALA A 15 -26.77 -7.82 14.43
C ALA A 15 -26.68 -7.03 13.11
N LEU A 16 -25.60 -6.26 12.95
CA LEU A 16 -25.45 -5.43 11.76
C LEU A 16 -25.18 -6.24 10.49
N VAL A 17 -24.28 -7.23 10.57
CA VAL A 17 -23.96 -8.03 9.39
C VAL A 17 -25.02 -9.08 8.98
N LYS A 18 -26.02 -9.31 9.84
CA LYS A 18 -27.07 -10.32 9.58
C LYS A 18 -28.38 -9.66 9.19
N LYS A 19 -28.39 -8.34 9.29
CA LYS A 19 -29.55 -7.49 9.04
C LYS A 19 -29.85 -7.40 7.55
N ASP A 20 -28.78 -7.39 6.74
CA ASP A 20 -28.90 -7.24 5.28
C ASP A 20 -28.00 -8.26 4.57
N LYS A 21 -28.36 -8.59 3.33
CA LYS A 21 -27.65 -9.58 2.54
C LYS A 21 -26.20 -9.17 2.21
N VAL A 22 -26.01 -7.88 1.91
CA VAL A 22 -24.68 -7.32 1.61
C VAL A 22 -24.35 -6.21 2.59
N VAL A 23 -23.29 -6.40 3.37
CA VAL A 23 -22.88 -5.42 4.37
C VAL A 23 -21.43 -5.03 4.14
N VAL A 24 -21.17 -3.74 3.99
CA VAL A 24 -19.78 -3.26 3.85
C VAL A 24 -19.39 -2.24 4.92
N PHE A 25 -18.14 -2.32 5.33
CA PHE A 25 -17.57 -1.37 6.25
C PHE A 25 -16.52 -0.60 5.50
N LEU A 26 -16.64 0.73 5.51
CA LEU A 26 -15.78 1.57 4.69
C LEU A 26 -15.20 2.76 5.43
N LYS A 27 -14.10 3.30 4.89
CA LYS A 27 -13.71 4.67 5.18
C LYS A 27 -14.48 5.55 4.22
N GLY A 28 -15.49 6.23 4.75
CA GLY A 28 -16.38 7.06 3.94
C GLY A 28 -17.73 6.41 3.69
N THR A 29 -18.42 6.88 2.66
CA THR A 29 -19.75 6.40 2.28
C THR A 29 -19.69 6.04 0.78
N PRO A 30 -20.64 5.21 0.29
CA PRO A 30 -20.62 4.94 -1.16
C PRO A 30 -20.76 6.21 -2.02
N GLU A 31 -21.42 7.22 -1.47
CA GLU A 31 -21.61 8.51 -2.13
C GLU A 31 -20.26 9.25 -2.31
N GLN A 32 -19.48 9.29 -1.22
CA GLN A 32 -18.14 9.87 -1.25
C GLN A 32 -17.21 9.03 -0.36
N PRO A 33 -16.49 8.06 -0.96
CA PRO A 33 -15.56 7.26 -0.18
C PRO A 33 -14.28 8.06 0.06
N GLN A 34 -13.58 7.75 1.14
CA GLN A 34 -12.47 8.58 1.61
C GLN A 34 -11.13 7.89 1.46
N CYS A 35 -11.11 6.84 0.66
CA CYS A 35 -9.94 5.99 0.55
C CYS A 35 -10.08 5.10 -0.68
N GLY A 36 -8.99 4.96 -1.42
CA GLY A 36 -8.94 4.10 -2.61
C GLY A 36 -9.38 2.66 -2.39
N PHE A 37 -8.97 2.08 -1.24
CA PHE A 37 -9.31 0.69 -0.89
C PHE A 37 -10.79 0.50 -0.66
N SER A 38 -11.41 1.45 0.06
CA SER A 38 -12.86 1.45 0.22
C SER A 38 -13.57 1.77 -1.08
N ASN A 39 -13.00 2.69 -1.87
CA ASN A 39 -13.61 3.06 -3.15
C ASN A 39 -13.61 1.86 -4.10
N ALA A 40 -12.59 1.00 -4.00
CA ALA A 40 -12.46 -0.12 -4.91
C ALA A 40 -13.60 -1.10 -4.69
N VAL A 41 -13.98 -1.30 -3.43
CA VAL A 41 -15.16 -2.10 -3.09
C VAL A 41 -16.44 -1.48 -3.66
N VAL A 42 -16.59 -0.17 -3.50
CA VAL A 42 -17.74 0.56 -3.99
C VAL A 42 -17.85 0.50 -5.51
N GLN A 43 -16.71 0.59 -6.19
CA GLN A 43 -16.72 0.62 -7.66
C GLN A 43 -17.12 -0.72 -8.25
N ILE A 44 -16.66 -1.80 -7.59
CA ILE A 44 -17.01 -3.17 -7.94
C ILE A 44 -18.53 -3.38 -7.79
N LEU A 45 -19.04 -3.22 -6.58
CA LEU A 45 -20.50 -3.31 -6.36
C LEU A 45 -21.29 -2.56 -7.43
N ARG A 46 -20.77 -1.39 -7.83
CA ARG A 46 -21.43 -0.56 -8.83
C ARG A 46 -21.42 -1.27 -10.18
N LEU A 47 -20.26 -1.82 -10.57
CA LEU A 47 -20.14 -2.57 -11.83
C LEU A 47 -21.13 -3.76 -11.91
N HIS A 48 -21.49 -4.32 -10.74
CA HIS A 48 -22.45 -5.43 -10.65
C HIS A 48 -23.89 -4.96 -10.40
N GLY A 49 -24.07 -3.65 -10.27
CA GLY A 49 -25.38 -3.04 -10.07
C GLY A 49 -26.02 -3.43 -8.76
N VAL A 50 -25.20 -3.65 -7.73
CA VAL A 50 -25.70 -4.01 -6.41
C VAL A 50 -26.15 -2.74 -5.68
N ARG A 51 -27.47 -2.47 -5.73
CA ARG A 51 -28.08 -1.25 -5.20
C ARG A 51 -28.41 -1.33 -3.71
N ASP A 52 -29.12 -2.39 -3.31
CA ASP A 52 -29.50 -2.57 -1.93
C ASP A 52 -28.35 -3.19 -1.12
N TYR A 53 -27.58 -2.33 -0.42
CA TYR A 53 -26.62 -2.81 0.59
C TYR A 53 -26.45 -1.83 1.76
N ALA A 54 -26.04 -2.35 2.90
CA ALA A 54 -25.76 -1.53 4.07
C ALA A 54 -24.30 -1.12 4.02
N ALA A 55 -24.06 0.19 3.99
CA ALA A 55 -22.68 0.69 4.12
C ALA A 55 -22.56 1.39 5.47
N TYR A 56 -21.47 1.13 6.19
CA TYR A 56 -21.21 1.82 7.47
C TYR A 56 -19.83 2.45 7.46
N ASN A 57 -19.78 3.72 7.84
CA ASN A 57 -18.57 4.53 7.84
C ASN A 57 -17.79 4.41 9.14
N VAL A 58 -16.58 3.87 9.08
CA VAL A 58 -15.77 3.70 10.28
C VAL A 58 -15.07 4.99 10.71
N LEU A 59 -15.07 6.00 9.84
CA LEU A 59 -14.49 7.32 10.18
C LEU A 59 -15.36 8.00 11.20
N ASP A 60 -16.67 7.75 11.10
CA ASP A 60 -17.68 8.29 12.01
C ASP A 60 -17.43 7.97 13.49
N ASP A 61 -16.96 6.75 13.77
CA ASP A 61 -16.74 6.31 15.16
C ASP A 61 -15.52 5.42 15.32
N PRO A 62 -14.55 5.84 16.17
CA PRO A 62 -13.38 5.03 16.54
C PRO A 62 -13.73 3.65 17.14
N GLU A 63 -14.82 3.57 17.89
CA GLU A 63 -15.28 2.30 18.48
C GLU A 63 -15.79 1.35 17.41
N LEU A 64 -16.29 1.90 16.30
CA LEU A 64 -16.65 1.09 15.15
C LEU A 64 -15.40 0.62 14.44
N ARG A 65 -14.46 1.54 14.21
CA ARG A 65 -13.19 1.25 13.54
C ARG A 65 -12.46 0.08 14.22
N GLN A 66 -12.30 0.18 15.53
CA GLN A 66 -11.72 -0.91 16.31
C GLN A 66 -12.69 -2.12 16.43
N GLY A 67 -13.98 -1.83 16.57
CA GLY A 67 -14.98 -2.89 16.77
C GLY A 67 -15.05 -3.94 15.66
N ILE A 68 -15.17 -3.49 14.42
CA ILE A 68 -15.28 -4.42 13.29
C ILE A 68 -14.01 -5.30 13.06
N LYS A 69 -12.84 -4.78 13.43
CA LYS A 69 -11.62 -5.56 13.35
C LYS A 69 -11.62 -6.70 14.38
N ASP A 70 -12.02 -6.39 15.61
CA ASP A 70 -12.03 -7.41 16.65
C ASP A 70 -13.10 -8.47 16.44
N TYR A 71 -14.22 -8.07 15.82
CA TYR A 71 -15.29 -9.00 15.50
C TYR A 71 -14.88 -9.97 14.41
N SER A 72 -14.24 -9.46 13.34
CA SER A 72 -13.86 -10.30 12.21
C SER A 72 -12.48 -10.92 12.34
N ASN A 73 -11.72 -10.50 13.35
CA ASN A 73 -10.29 -10.83 13.46
C ASN A 73 -9.53 -10.44 12.17
N TRP A 74 -9.99 -9.37 11.53
CA TRP A 74 -9.43 -8.82 10.30
C TRP A 74 -8.89 -7.39 10.57
N PRO A 75 -7.65 -7.10 10.13
CA PRO A 75 -6.98 -5.91 10.66
C PRO A 75 -7.26 -4.62 9.94
N THR A 76 -8.01 -4.66 8.84
CA THR A 76 -8.16 -3.49 7.99
C THR A 76 -9.60 -3.21 7.49
N ILE A 77 -9.73 -2.10 6.77
CA ILE A 77 -10.98 -1.55 6.27
C ILE A 77 -10.67 -1.29 4.81
N PRO A 78 -11.57 -1.67 3.87
CA PRO A 78 -12.94 -2.15 3.96
C PRO A 78 -13.13 -3.63 4.36
N GLN A 79 -14.34 -3.94 4.83
CA GLN A 79 -14.72 -5.31 5.12
C GLN A 79 -16.05 -5.58 4.47
N VAL A 80 -16.10 -6.68 3.73
CA VAL A 80 -17.29 -7.08 3.02
C VAL A 80 -17.92 -8.32 3.70
N TYR A 81 -19.24 -8.26 3.91
CA TYR A 81 -19.98 -9.40 4.41
C TYR A 81 -21.07 -9.75 3.44
N LEU A 82 -21.25 -11.05 3.22
CA LEU A 82 -22.37 -11.56 2.49
C LEU A 82 -23.06 -12.58 3.39
N ASN A 83 -24.38 -12.47 3.50
CA ASN A 83 -25.18 -13.47 4.20
C ASN A 83 -24.69 -13.71 5.63
N GLY A 84 -24.18 -12.65 6.23
CA GLY A 84 -23.79 -12.67 7.62
C GLY A 84 -22.40 -13.21 7.86
N GLU A 85 -21.70 -13.54 6.78
CA GLU A 85 -20.36 -14.12 6.86
C GLU A 85 -19.31 -13.21 6.23
N PHE A 86 -18.17 -13.05 6.90
CA PHE A 86 -17.04 -12.29 6.38
C PHE A 86 -16.50 -12.84 5.04
N VAL A 87 -16.40 -11.99 4.04
CA VAL A 87 -15.83 -12.40 2.76
C VAL A 87 -14.39 -11.88 2.56
N GLY A 88 -14.16 -10.60 2.85
CA GLY A 88 -12.81 -10.05 2.83
C GLY A 88 -12.75 -8.54 2.59
N GLY A 89 -11.57 -8.08 2.18
CA GLY A 89 -11.36 -6.68 1.85
C GLY A 89 -11.41 -6.43 0.35
N CYS A 90 -10.74 -5.37 -0.09
CA CYS A 90 -10.87 -4.96 -1.49
C CYS A 90 -10.11 -5.90 -2.44
N ASP A 91 -9.02 -6.48 -1.95
CA ASP A 91 -8.20 -7.42 -2.74
C ASP A 91 -8.96 -8.68 -3.04
N ILE A 92 -9.57 -9.26 -1.99
CA ILE A 92 -10.35 -10.48 -2.14
C ILE A 92 -11.54 -10.22 -3.07
N LEU A 93 -12.15 -9.04 -2.95
CA LEU A 93 -13.31 -8.73 -3.78
C LEU A 93 -12.95 -8.57 -5.25
N LEU A 94 -11.85 -7.87 -5.54
CA LEU A 94 -11.37 -7.78 -6.92
C LEU A 94 -11.09 -9.16 -7.50
N GLN A 95 -10.44 -10.03 -6.72
CA GLN A 95 -10.16 -11.39 -7.19
C GLN A 95 -11.45 -12.10 -7.65
N MET A 96 -12.51 -11.94 -6.87
CA MET A 96 -13.78 -12.62 -7.13
C MET A 96 -14.51 -12.00 -8.31
N HIS A 97 -14.36 -10.69 -8.45
CA HIS A 97 -14.87 -9.98 -9.60
C HIS A 97 -14.21 -10.48 -10.88
N GLN A 98 -12.91 -10.72 -10.83
CA GLN A 98 -12.14 -11.13 -12.02
C GLN A 98 -12.33 -12.59 -12.40
N ASN A 99 -12.42 -13.46 -11.39
CA ASN A 99 -12.55 -14.90 -11.66
C ASN A 99 -14.00 -15.41 -11.78
N GLY A 100 -14.97 -14.51 -11.66
CA GLY A 100 -16.38 -14.89 -11.74
C GLY A 100 -17.03 -15.43 -10.47
N ASP A 101 -16.29 -15.52 -9.38
CA ASP A 101 -16.87 -15.98 -8.10
C ASP A 101 -17.88 -14.99 -7.48
N LEU A 102 -17.64 -13.69 -7.66
CA LEU A 102 -18.58 -12.68 -7.17
C LEU A 102 -19.97 -12.88 -7.81
N VAL A 103 -19.99 -13.05 -9.13
CA VAL A 103 -21.25 -13.31 -9.86
C VAL A 103 -21.99 -14.51 -9.25
N GLU A 104 -21.31 -15.64 -9.07
CA GLU A 104 -21.94 -16.84 -8.51
C GLU A 104 -22.39 -16.60 -7.06
N GLU A 105 -21.57 -15.93 -6.27
CA GLU A 105 -21.91 -15.63 -4.87
C GLU A 105 -23.19 -14.80 -4.77
N LEU A 106 -23.33 -13.84 -5.68
CA LEU A 106 -24.48 -12.96 -5.72
C LEU A 106 -25.71 -13.75 -6.17
N LYS A 107 -25.55 -14.53 -7.24
CA LYS A 107 -26.54 -15.51 -7.65
C LYS A 107 -27.03 -16.34 -6.44
N LYS A 108 -26.10 -16.91 -5.66
CA LYS A 108 -26.47 -17.67 -4.45
C LYS A 108 -27.39 -16.93 -3.47
N LEU A 109 -27.14 -15.63 -3.28
CA LEU A 109 -27.94 -14.80 -2.37
C LEU A 109 -29.21 -14.22 -3.04
N GLY A 110 -29.51 -14.70 -4.25
CA GLY A 110 -30.67 -14.23 -5.02
C GLY A 110 -30.51 -12.85 -5.64
N ILE A 111 -29.26 -12.41 -5.83
CA ILE A 111 -28.95 -11.06 -6.32
C ILE A 111 -28.41 -11.07 -7.75
N HIS A 112 -29.09 -10.36 -8.64
CA HIS A 112 -28.70 -10.28 -10.06
C HIS A 112 -27.51 -9.35 -10.30
N SER A 113 -26.38 -9.92 -10.72
CA SER A 113 -25.25 -9.12 -11.15
C SER A 113 -25.51 -8.46 -12.51
N ALA A 114 -25.14 -7.20 -12.63
CA ALA A 114 -25.33 -6.43 -13.87
C ALA A 114 -24.55 -7.03 -15.02
N LEU A 115 -23.46 -7.71 -14.69
CA LEU A 115 -22.59 -8.32 -15.69
C LEU A 115 -23.28 -9.47 -16.44
N LEU A 116 -24.28 -10.07 -15.79
CA LEU A 116 -25.18 -11.03 -16.44
C LEU A 116 -26.20 -10.37 -17.38
N ASP A 117 -26.86 -9.31 -16.89
CA ASP A 117 -28.08 -8.71 -17.51
C ASP A 117 -28.26 -8.95 -19.02
N SER B 9 -6.98 27.81 -3.10
CA SER B 9 -6.28 28.86 -3.92
C SER B 9 -4.77 28.82 -3.68
N ALA B 10 -3.99 29.00 -4.76
CA ALA B 10 -2.54 28.94 -4.67
C ALA B 10 -1.93 29.99 -3.73
N GLU B 11 -2.38 31.24 -3.85
CA GLU B 11 -1.85 32.33 -2.99
C GLU B 11 -2.18 32.12 -1.51
N GLN B 12 -3.36 31.58 -1.27
CA GLN B 12 -3.86 31.37 0.07
C GLN B 12 -3.12 30.21 0.72
N LEU B 13 -2.94 29.13 -0.03
CA LEU B 13 -2.25 27.96 0.50
C LEU B 13 -0.76 28.24 0.66
N ASP B 14 -0.24 29.10 -0.19
CA ASP B 14 1.14 29.51 -0.13
C ASP B 14 1.37 30.23 1.20
N ALA B 15 0.46 31.14 1.57
CA ALA B 15 0.53 31.82 2.86
C ALA B 15 0.39 30.83 4.03
N LEU B 16 -0.55 29.91 3.91
CA LEU B 16 -0.84 28.94 4.96
C LEU B 16 0.36 28.08 5.31
N VAL B 17 1.06 27.57 4.30
CA VAL B 17 2.21 26.69 4.57
C VAL B 17 3.41 27.46 5.08
N LYS B 18 3.52 28.74 4.70
CA LYS B 18 4.65 29.59 5.14
C LYS B 18 4.49 30.17 6.53
N LYS B 19 3.28 30.06 7.07
CA LYS B 19 2.90 30.67 8.35
C LYS B 19 3.58 30.01 9.57
N ASP B 20 3.83 28.70 9.50
CA ASP B 20 4.41 27.93 10.62
C ASP B 20 5.66 27.12 10.21
N LYS B 21 6.55 26.84 11.18
CA LYS B 21 7.78 26.09 10.92
C LYS B 21 7.51 24.67 10.49
N VAL B 22 6.54 24.03 11.16
CA VAL B 22 6.13 22.66 10.78
C VAL B 22 4.64 22.72 10.39
N VAL B 23 4.32 22.26 9.18
CA VAL B 23 2.94 22.22 8.70
C VAL B 23 2.69 20.86 8.11
N VAL B 24 1.64 20.19 8.61
CA VAL B 24 1.24 18.91 8.03
C VAL B 24 -0.23 18.88 7.59
N PHE B 25 -0.45 18.18 6.49
CA PHE B 25 -1.77 17.89 6.00
C PHE B 25 -2.02 16.41 6.15
N LEU B 26 -3.04 16.04 6.94
CA LEU B 26 -3.31 14.66 7.36
C LEU B 26 -4.73 14.25 7.08
N LYS B 27 -4.99 12.94 7.15
CA LYS B 27 -6.35 12.45 7.27
C LYS B 27 -6.61 12.24 8.75
N GLY B 28 -7.31 13.19 9.36
CA GLY B 28 -7.54 13.15 10.78
C GLY B 28 -6.73 14.21 11.49
N THR B 29 -6.47 13.98 12.77
CA THR B 29 -5.74 14.95 13.56
C THR B 29 -4.54 14.24 14.16
N PRO B 30 -3.54 15.00 14.64
CA PRO B 30 -2.42 14.39 15.36
C PRO B 30 -2.86 13.49 16.52
N GLU B 31 -3.96 13.85 17.18
CA GLU B 31 -4.53 13.10 18.31
C GLU B 31 -5.30 11.87 17.82
N GLN B 32 -5.93 11.99 16.65
CA GLN B 32 -6.78 10.93 16.09
C GLN B 32 -6.61 10.76 14.57
N PRO B 33 -5.47 10.20 14.15
CA PRO B 33 -5.24 10.00 12.72
C PRO B 33 -6.20 8.95 12.20
N GLN B 34 -6.65 9.11 10.97
CA GLN B 34 -7.65 8.23 10.37
C GLN B 34 -7.02 7.33 9.31
N CYS B 35 -5.70 7.36 9.20
CA CYS B 35 -4.97 6.59 8.22
C CYS B 35 -3.55 6.31 8.69
N GLY B 36 -3.10 5.08 8.47
CA GLY B 36 -1.73 4.67 8.76
C GLY B 36 -0.64 5.57 8.19
N PHE B 37 -0.83 6.09 6.97
CA PHE B 37 0.18 6.99 6.36
C PHE B 37 0.27 8.33 7.08
N SER B 38 -0.88 8.90 7.46
CA SER B 38 -0.90 10.12 8.29
C SER B 38 -0.26 9.88 9.67
N ASN B 39 -0.58 8.74 10.28
CA ASN B 39 -0.09 8.37 11.62
C ASN B 39 1.42 8.25 11.69
N ALA B 40 2.00 7.70 10.63
CA ALA B 40 3.43 7.52 10.50
C ALA B 40 4.14 8.86 10.67
N VAL B 41 3.64 9.89 9.97
CA VAL B 41 4.16 11.25 10.09
C VAL B 41 4.04 11.79 11.52
N VAL B 42 2.91 11.50 12.17
CA VAL B 42 2.66 11.97 13.53
C VAL B 42 3.64 11.27 14.47
N GLN B 43 3.77 9.95 14.33
CA GLN B 43 4.66 9.17 15.15
C GLN B 43 6.12 9.58 14.95
N ILE B 44 6.51 9.81 13.70
CA ILE B 44 7.85 10.27 13.39
C ILE B 44 8.15 11.64 14.05
N LEU B 45 7.22 12.59 13.93
CA LEU B 45 7.39 13.90 14.56
C LEU B 45 7.50 13.80 16.08
N ARG B 46 6.67 12.92 16.65
CA ARG B 46 6.63 12.66 18.08
C ARG B 46 8.00 12.15 18.62
N LEU B 47 8.68 11.29 17.85
CA LEU B 47 10.03 10.79 18.22
C LEU B 47 11.10 11.88 18.25
N HIS B 48 10.89 12.94 17.48
CA HIS B 48 11.82 14.08 17.45
C HIS B 48 11.47 15.17 18.46
N GLY B 49 10.41 14.90 19.24
CA GLY B 49 9.94 15.83 20.26
C GLY B 49 9.11 16.98 19.71
N VAL B 50 8.72 16.90 18.45
CA VAL B 50 7.81 17.89 17.85
C VAL B 50 6.37 17.44 18.09
N ARG B 51 5.76 17.97 19.15
CA ARG B 51 4.41 17.58 19.54
C ARG B 51 3.37 18.59 19.10
N ASP B 52 3.67 19.87 19.26
CA ASP B 52 2.77 20.95 18.83
C ASP B 52 3.23 21.60 17.53
N TYR B 53 2.36 21.57 16.53
CA TYR B 53 2.58 22.15 15.20
C TYR B 53 1.22 22.35 14.51
N ALA B 54 1.22 22.99 13.35
CA ALA B 54 -0.02 23.23 12.59
C ALA B 54 -0.39 21.95 11.84
N ALA B 55 -1.61 21.49 12.06
CA ALA B 55 -2.10 20.26 11.43
C ALA B 55 -3.47 20.53 10.83
N TYR B 56 -3.61 20.22 9.56
CA TYR B 56 -4.89 20.41 8.88
C TYR B 56 -5.44 19.08 8.43
N ASN B 57 -6.71 18.87 8.77
CA ASN B 57 -7.40 17.63 8.47
C ASN B 57 -8.14 17.77 7.14
N VAL B 58 -7.63 17.10 6.12
CA VAL B 58 -8.24 17.19 4.80
C VAL B 58 -9.65 16.60 4.74
N LEU B 59 -9.97 15.63 5.61
CA LEU B 59 -11.32 15.06 5.63
C LEU B 59 -12.43 16.09 5.95
N ASP B 60 -12.04 17.23 6.51
CA ASP B 60 -12.99 18.29 6.87
C ASP B 60 -13.24 19.36 5.76
N ASP B 61 -12.53 19.24 4.63
CA ASP B 61 -12.54 20.26 3.59
C ASP B 61 -12.05 19.77 2.21
N PRO B 62 -12.98 19.34 1.34
CA PRO B 62 -12.57 18.84 0.01
C PRO B 62 -11.80 19.87 -0.84
N GLU B 63 -12.08 21.15 -0.66
CA GLU B 63 -11.36 22.23 -1.36
C GLU B 63 -9.88 22.30 -0.97
N LEU B 64 -9.61 22.25 0.34
CA LEU B 64 -8.25 22.21 0.82
C LEU B 64 -7.53 20.94 0.33
N ARG B 65 -8.23 19.81 0.43
CA ARG B 65 -7.72 18.52 -0.02
C ARG B 65 -7.19 18.54 -1.47
N GLN B 66 -8.03 18.96 -2.39
CA GLN B 66 -7.64 19.14 -3.79
C GLN B 66 -6.64 20.29 -3.99
N GLY B 67 -6.90 21.42 -3.33
CA GLY B 67 -6.03 22.59 -3.41
C GLY B 67 -4.57 22.25 -3.08
N ILE B 68 -4.39 21.47 -2.01
CA ILE B 68 -3.04 21.18 -1.53
C ILE B 68 -2.28 20.27 -2.50
N LYS B 69 -3.00 19.36 -3.16
CA LYS B 69 -2.46 18.50 -4.20
C LYS B 69 -2.02 19.34 -5.42
N ASP B 70 -2.85 20.32 -5.80
CA ASP B 70 -2.55 21.22 -6.91
C ASP B 70 -1.35 22.10 -6.61
N TYR B 71 -1.35 22.73 -5.44
CA TYR B 71 -0.28 23.58 -5.01
C TYR B 71 1.06 22.84 -4.91
N SER B 72 1.08 21.66 -4.31
CA SER B 72 2.33 20.94 -4.13
C SER B 72 2.75 20.12 -5.35
N ASN B 73 1.81 19.90 -6.28
CA ASN B 73 2.03 19.03 -7.44
C ASN B 73 2.35 17.61 -6.95
N TRP B 74 1.66 17.22 -5.88
CA TRP B 74 1.88 15.97 -5.21
C TRP B 74 0.52 15.35 -4.93
N PRO B 75 0.34 14.09 -5.36
CA PRO B 75 -0.99 13.47 -5.51
C PRO B 75 -1.69 12.94 -4.24
N THR B 76 -0.97 12.86 -3.12
CA THR B 76 -1.46 12.10 -1.94
C THR B 76 -1.38 12.86 -0.63
N ILE B 77 -1.94 12.26 0.42
CA ILE B 77 -1.97 12.79 1.78
C ILE B 77 -1.45 11.68 2.71
N PRO B 78 -0.52 11.99 3.63
CA PRO B 78 -0.05 13.27 4.21
C PRO B 78 0.95 14.06 3.38
N GLN B 79 0.99 15.36 3.62
CA GLN B 79 2.04 16.24 3.08
C GLN B 79 2.74 16.95 4.25
N VAL B 80 4.06 17.03 4.19
CA VAL B 80 4.84 17.68 5.23
C VAL B 80 5.56 18.92 4.71
N TYR B 81 5.42 20.04 5.42
CA TYR B 81 6.08 21.30 5.06
C TYR B 81 6.99 21.77 6.18
N LEU B 82 8.17 22.26 5.79
CA LEU B 82 9.15 22.83 6.72
C LEU B 82 9.54 24.21 6.23
N ASN B 83 9.16 25.23 7.02
CA ASN B 83 9.25 26.63 6.62
C ASN B 83 8.59 26.94 5.28
N GLY B 84 7.51 26.22 4.98
CA GLY B 84 6.78 26.36 3.73
C GLY B 84 7.44 25.69 2.54
N GLU B 85 8.53 24.95 2.77
CA GLU B 85 9.11 24.11 1.72
C GLU B 85 8.48 22.71 1.81
N PHE B 86 7.88 22.25 0.72
CA PHE B 86 7.40 20.87 0.60
C PHE B 86 8.51 19.86 0.79
N VAL B 87 8.29 18.92 1.69
CA VAL B 87 9.26 17.88 2.00
C VAL B 87 8.82 16.55 1.38
N GLY B 88 7.53 16.22 1.49
CA GLY B 88 6.98 15.02 0.88
C GLY B 88 5.97 14.35 1.79
N GLY B 89 5.74 13.06 1.54
CA GLY B 89 4.81 12.27 2.32
C GLY B 89 5.49 11.46 3.41
N CYS B 90 4.82 10.42 3.88
CA CYS B 90 5.37 9.58 4.93
C CYS B 90 6.62 8.74 4.54
N ASP B 91 6.68 8.26 3.29
CA ASP B 91 7.84 7.46 2.84
C ASP B 91 9.12 8.27 2.87
N ILE B 92 9.03 9.52 2.38
CA ILE B 92 10.14 10.47 2.44
C ILE B 92 10.47 10.85 3.88
N LEU B 93 9.44 11.16 4.68
CA LEU B 93 9.69 11.52 6.08
C LEU B 93 10.41 10.37 6.80
N LEU B 94 9.98 9.13 6.59
CA LEU B 94 10.63 7.98 7.21
C LEU B 94 12.10 7.85 6.78
N GLN B 95 12.36 7.99 5.48
CA GLN B 95 13.73 8.00 4.97
C GLN B 95 14.59 9.07 5.66
N MET B 96 14.05 10.29 5.77
CA MET B 96 14.75 11.39 6.47
C MET B 96 15.01 11.10 7.96
N HIS B 97 14.07 10.38 8.56
CA HIS B 97 14.24 9.87 9.91
C HIS B 97 15.41 8.87 10.00
N GLN B 98 15.54 7.99 9.02
CA GLN B 98 16.53 6.91 9.10
C GLN B 98 17.93 7.36 8.77
N ASN B 99 18.06 8.33 7.87
CA ASN B 99 19.40 8.74 7.45
C ASN B 99 19.90 10.02 8.16
N GLY B 100 19.09 10.56 9.05
CA GLY B 100 19.50 11.72 9.82
C GLY B 100 19.27 13.08 9.18
N ASP B 101 18.65 13.11 8.01
CA ASP B 101 18.40 14.40 7.37
C ASP B 101 17.28 15.16 8.09
N LEU B 102 16.38 14.44 8.76
CA LEU B 102 15.31 15.12 9.48
C LEU B 102 15.84 15.92 10.69
N VAL B 103 16.67 15.28 11.53
CA VAL B 103 17.40 16.00 12.58
C VAL B 103 18.08 17.28 12.05
N GLU B 104 18.78 17.16 10.91
CA GLU B 104 19.51 18.28 10.31
C GLU B 104 18.62 19.44 9.78
N GLU B 105 17.50 19.09 9.18
CA GLU B 105 16.58 20.09 8.65
C GLU B 105 15.86 20.79 9.78
N LEU B 106 15.51 20.05 10.81
CA LEU B 106 14.83 20.66 11.96
C LEU B 106 15.78 21.62 12.68
N LYS B 107 17.05 21.21 12.83
CA LYS B 107 18.07 22.03 13.46
C LYS B 107 18.27 23.36 12.74
N LYS B 108 18.28 23.34 11.41
CA LYS B 108 18.43 24.57 10.64
C LYS B 108 17.26 25.52 10.86
N LEU B 109 16.14 25.00 11.36
CA LEU B 109 14.97 25.82 11.66
C LEU B 109 14.86 26.17 13.13
N GLY B 110 15.93 25.96 13.88
CA GLY B 110 15.95 26.19 15.32
C GLY B 110 15.12 25.23 16.13
N ILE B 111 14.90 24.01 15.63
CA ILE B 111 14.25 22.97 16.48
C ILE B 111 15.26 21.88 16.79
N HIS B 112 15.45 21.60 18.07
CA HIS B 112 16.42 20.61 18.54
C HIS B 112 15.73 19.27 18.77
N SER B 113 15.87 18.36 17.80
CA SER B 113 15.33 17.00 17.87
C SER B 113 15.68 16.28 19.19
N ALA B 114 14.67 15.67 19.81
CA ALA B 114 14.86 14.82 20.98
C ALA B 114 15.78 13.63 20.68
N LEU B 115 15.98 13.34 19.39
CA LEU B 115 16.91 12.30 19.00
C LEU B 115 18.37 12.75 19.13
N LEU B 116 18.59 14.05 18.99
CA LEU B 116 19.93 14.64 19.15
C LEU B 116 20.44 14.53 20.60
N ASP B 117 19.52 14.66 21.57
CA ASP B 117 19.82 14.43 22.98
C ASP B 117 19.95 12.93 23.27
N GLY C 8 24.66 -0.37 -10.22
CA GLY C 8 24.77 -0.03 -8.77
C GLY C 8 25.32 1.35 -8.46
N SER C 9 26.56 1.62 -8.89
CA SER C 9 27.32 2.86 -8.59
C SER C 9 26.59 4.19 -8.89
N ALA C 10 27.02 5.26 -8.22
CA ALA C 10 26.48 6.61 -8.44
C ALA C 10 26.87 7.18 -9.82
N GLU C 11 28.15 7.05 -10.17
CA GLU C 11 28.63 7.48 -11.49
C GLU C 11 27.98 6.65 -12.63
N GLN C 12 27.79 5.35 -12.38
CA GLN C 12 27.20 4.44 -13.37
C GLN C 12 25.72 4.75 -13.62
N LEU C 13 25.01 5.17 -12.58
CA LEU C 13 23.59 5.52 -12.69
C LEU C 13 23.39 6.88 -13.36
N ASP C 14 24.31 7.79 -13.10
CA ASP C 14 24.30 9.10 -13.74
C ASP C 14 24.36 8.95 -15.25
N ALA C 15 25.25 8.07 -15.72
CA ALA C 15 25.34 7.71 -17.14
C ALA C 15 24.02 7.14 -17.63
N LEU C 16 23.54 6.11 -16.94
CA LEU C 16 22.29 5.42 -17.28
C LEU C 16 21.10 6.35 -17.51
N VAL C 17 20.87 7.29 -16.59
CA VAL C 17 19.69 8.17 -16.67
C VAL C 17 19.83 9.23 -17.77
N LYS C 18 21.07 9.60 -18.07
CA LYS C 18 21.34 10.57 -19.13
C LYS C 18 21.39 9.92 -20.50
N LYS C 19 21.65 8.61 -20.51
CA LYS C 19 21.76 7.81 -21.74
C LYS C 19 20.55 7.89 -22.67
N ASP C 20 19.34 8.00 -22.09
CA ASP C 20 18.09 7.95 -22.86
C ASP C 20 17.12 9.00 -22.37
N LYS C 21 16.17 9.38 -23.23
CA LYS C 21 15.18 10.42 -22.90
C LYS C 21 14.24 10.00 -21.77
N VAL C 22 13.73 8.77 -21.85
CA VAL C 22 12.78 8.25 -20.87
C VAL C 22 13.41 6.99 -20.28
N VAL C 23 13.66 7.03 -18.97
CA VAL C 23 14.32 5.93 -18.27
C VAL C 23 13.53 5.57 -17.00
N VAL C 24 13.22 4.29 -16.87
CA VAL C 24 12.47 3.81 -15.72
C VAL C 24 13.22 2.70 -15.00
N PHE C 25 13.11 2.71 -13.67
CA PHE C 25 13.59 1.59 -12.87
C PHE C 25 12.39 0.87 -12.29
N LEU C 26 12.28 -0.43 -12.56
CA LEU C 26 11.11 -1.27 -12.18
C LEU C 26 11.45 -2.49 -11.36
N LYS C 27 10.44 -3.09 -10.73
CA LYS C 27 10.51 -4.48 -10.32
C LYS C 27 9.87 -5.28 -11.45
N GLY C 28 10.68 -6.08 -12.14
CA GLY C 28 10.28 -6.78 -13.37
C GLY C 28 10.63 -6.03 -14.64
N THR C 29 9.95 -6.39 -15.73
CA THR C 29 10.21 -5.83 -17.06
C THR C 29 8.90 -5.32 -17.65
N PRO C 30 8.98 -4.51 -18.72
CA PRO C 30 7.72 -4.09 -19.36
C PRO C 30 6.86 -5.27 -19.79
N GLU C 31 7.49 -6.32 -20.29
CA GLU C 31 6.76 -7.49 -20.78
C GLU C 31 6.15 -8.21 -19.60
N GLN C 32 6.92 -8.32 -18.52
CA GLN C 32 6.53 -9.10 -17.35
C GLN C 32 6.86 -8.32 -16.08
N PRO C 33 5.97 -7.40 -15.67
CA PRO C 33 6.23 -6.71 -14.40
C PRO C 33 5.88 -7.62 -13.23
N GLN C 34 6.53 -7.36 -12.10
CA GLN C 34 6.45 -8.23 -10.94
C GLN C 34 5.74 -7.54 -9.79
N CYS C 35 5.22 -6.35 -10.08
CA CYS C 35 4.64 -5.50 -9.06
C CYS C 35 3.66 -4.52 -9.66
N GLY C 36 2.49 -4.40 -9.03
CA GLY C 36 1.47 -3.44 -9.47
C GLY C 36 1.94 -1.99 -9.65
N PHE C 37 2.75 -1.48 -8.71
CA PHE C 37 3.29 -0.11 -8.81
C PHE C 37 4.20 0.06 -10.03
N SER C 38 5.14 -0.86 -10.21
CA SER C 38 5.91 -0.92 -11.46
C SER C 38 5.02 -1.07 -12.70
N ASN C 39 4.00 -1.92 -12.63
CA ASN C 39 3.11 -2.11 -13.78
C ASN C 39 2.38 -0.83 -14.19
N ALA C 40 1.93 -0.03 -13.22
CA ALA C 40 1.19 1.19 -13.51
C ALA C 40 1.98 2.14 -14.42
N VAL C 41 3.28 2.23 -14.16
CA VAL C 41 4.20 2.97 -15.01
C VAL C 41 4.26 2.36 -16.42
N VAL C 42 4.45 1.05 -16.52
CA VAL C 42 4.48 0.38 -17.84
C VAL C 42 3.22 0.65 -18.66
N GLN C 43 2.06 0.64 -18.00
CA GLN C 43 0.77 0.84 -18.68
C GLN C 43 0.55 2.29 -19.17
N ILE C 44 0.89 3.26 -18.33
CA ILE C 44 0.84 4.67 -18.70
C ILE C 44 1.69 4.96 -19.95
N LEU C 45 2.96 4.53 -19.91
CA LEU C 45 3.84 4.61 -21.08
C LEU C 45 3.23 3.94 -22.30
N ARG C 46 2.55 2.80 -22.08
CA ARG C 46 1.86 2.13 -23.19
C ARG C 46 0.73 2.99 -23.77
N LEU C 47 -0.02 3.65 -22.89
CA LEU C 47 -1.17 4.48 -23.32
C LEU C 47 -0.78 5.67 -24.22
N HIS C 48 0.30 6.36 -23.85
CA HIS C 48 0.87 7.46 -24.63
C HIS C 48 1.70 7.00 -25.83
N GLY C 49 1.86 5.68 -25.95
CA GLY C 49 2.51 5.08 -27.12
C GLY C 49 4.03 5.19 -27.11
N VAL C 50 4.60 5.35 -25.91
CA VAL C 50 6.07 5.37 -25.76
C VAL C 50 6.62 3.95 -25.82
N ARG C 51 7.11 3.57 -27.01
CA ARG C 51 7.67 2.24 -27.25
C ARG C 51 9.18 2.20 -27.06
N ASP C 52 9.81 3.38 -27.06
CA ASP C 52 11.27 3.49 -27.09
C ASP C 52 11.80 4.13 -25.80
N TYR C 53 11.96 3.31 -24.77
CA TYR C 53 12.50 3.80 -23.49
C TYR C 53 13.39 2.76 -22.84
N ALA C 54 14.26 3.20 -21.93
CA ALA C 54 15.08 2.26 -21.17
C ALA C 54 14.37 1.81 -19.88
N ALA C 55 14.34 0.49 -19.67
CA ALA C 55 13.79 -0.12 -18.47
C ALA C 55 14.82 -0.99 -17.80
N TYR C 56 15.08 -0.75 -16.52
CA TYR C 56 16.02 -1.58 -15.77
C TYR C 56 15.32 -2.27 -14.60
N ASN C 57 15.60 -3.57 -14.47
CA ASN C 57 14.96 -4.43 -13.48
C ASN C 57 15.75 -4.54 -12.17
N VAL C 58 15.23 -3.98 -11.09
CA VAL C 58 15.98 -3.91 -9.83
C VAL C 58 16.02 -5.23 -9.08
N LEU C 59 15.11 -6.14 -9.42
CA LEU C 59 15.11 -7.51 -8.88
C LEU C 59 16.33 -8.30 -9.32
N ASP C 60 16.92 -7.92 -10.45
CA ASP C 60 18.10 -8.60 -11.00
C ASP C 60 19.37 -8.27 -10.24
N ASP C 61 19.37 -7.13 -9.56
CA ASP C 61 20.57 -6.61 -8.93
C ASP C 61 20.24 -5.87 -7.62
N PRO C 62 20.56 -6.48 -6.45
CA PRO C 62 20.29 -5.76 -5.20
C PRO C 62 21.07 -4.45 -5.11
N GLU C 63 22.26 -4.40 -5.69
CA GLU C 63 23.06 -3.18 -5.65
C GLU C 63 22.40 -2.04 -6.42
N LEU C 64 21.71 -2.37 -7.51
CA LEU C 64 20.94 -1.41 -8.27
C LEU C 64 19.69 -0.96 -7.50
N ARG C 65 18.96 -1.93 -6.96
CA ARG C 65 17.82 -1.66 -6.11
C ARG C 65 18.19 -0.60 -5.06
N GLN C 66 19.22 -0.87 -4.26
CA GLN C 66 19.69 0.08 -3.24
C GLN C 66 20.31 1.36 -3.86
N GLY C 67 21.05 1.20 -4.94
CA GLY C 67 21.77 2.31 -5.59
C GLY C 67 20.89 3.41 -6.20
N ILE C 68 19.80 3.02 -6.85
CA ILE C 68 18.92 4.02 -7.43
C ILE C 68 18.24 4.90 -6.34
N LYS C 69 17.93 4.29 -5.19
CA LYS C 69 17.42 5.03 -4.01
C LYS C 69 18.40 6.11 -3.52
N ASP C 70 19.67 5.73 -3.42
CA ASP C 70 20.68 6.65 -2.91
C ASP C 70 20.90 7.79 -3.88
N TYR C 71 20.81 7.46 -5.17
CA TYR C 71 21.08 8.41 -6.23
C TYR C 71 19.97 9.45 -6.31
N SER C 72 18.73 8.98 -6.25
CA SER C 72 17.60 9.85 -6.46
C SER C 72 17.11 10.53 -5.17
N ASN C 73 17.52 9.98 -4.01
CA ASN C 73 17.00 10.39 -2.71
C ASN C 73 15.50 10.03 -2.58
N TRP C 74 15.11 8.92 -3.22
CA TRP C 74 13.74 8.44 -3.30
C TRP C 74 13.72 7.00 -2.77
N PRO C 75 12.82 6.71 -1.81
CA PRO C 75 12.89 5.43 -1.08
C PRO C 75 12.30 4.20 -1.77
N THR C 76 11.60 4.38 -2.90
CA THR C 76 10.79 3.29 -3.47
C THR C 76 10.97 3.10 -4.98
N ILE C 77 10.42 1.99 -5.48
CA ILE C 77 10.45 1.60 -6.89
C ILE C 77 8.96 1.49 -7.27
N PRO C 78 8.56 2.00 -8.43
CA PRO C 78 9.35 2.40 -9.59
C PRO C 78 9.87 3.83 -9.52
N GLN C 79 10.93 4.12 -10.27
CA GLN C 79 11.43 5.50 -10.40
C GLN C 79 11.46 5.94 -11.86
N VAL C 80 10.92 7.13 -12.12
CA VAL C 80 10.81 7.65 -13.50
C VAL C 80 11.71 8.85 -13.77
N TYR C 81 12.56 8.71 -14.78
CA TYR C 81 13.39 9.83 -15.24
C TYR C 81 13.03 10.24 -16.66
N LEU C 82 12.73 11.53 -16.81
CA LEU C 82 12.58 12.14 -18.13
C LEU C 82 13.74 13.10 -18.28
N ASN C 83 14.46 12.99 -19.40
CA ASN C 83 15.53 13.93 -19.75
C ASN C 83 16.69 13.93 -18.73
N GLY C 84 16.95 12.78 -18.13
CA GLY C 84 18.03 12.65 -17.15
C GLY C 84 17.67 13.27 -15.81
N GLU C 85 16.40 13.62 -15.65
CA GLU C 85 15.91 14.22 -14.41
C GLU C 85 14.86 13.34 -13.75
N PHE C 86 14.93 13.25 -12.43
CA PHE C 86 13.97 12.48 -11.66
C PHE C 86 12.61 13.14 -11.66
N VAL C 87 11.58 12.35 -11.97
CA VAL C 87 10.20 12.84 -12.02
C VAL C 87 9.36 12.35 -10.83
N GLY C 88 9.41 11.05 -10.54
CA GLY C 88 8.69 10.48 -9.41
C GLY C 88 8.43 9.01 -9.59
N GLY C 89 7.44 8.49 -8.83
CA GLY C 89 7.00 7.10 -8.97
C GLY C 89 5.65 6.97 -9.67
N CYS C 90 4.93 5.88 -9.41
CA CYS C 90 3.65 5.65 -10.10
C CYS C 90 2.52 6.63 -9.71
N ASP C 91 2.52 7.14 -8.47
CA ASP C 91 1.50 8.11 -8.06
C ASP C 91 1.63 9.44 -8.79
N ILE C 92 2.86 9.96 -8.87
CA ILE C 92 3.16 11.18 -9.59
C ILE C 92 2.87 10.99 -11.09
N LEU C 93 3.31 9.85 -11.64
CA LEU C 93 3.08 9.55 -13.06
C LEU C 93 1.58 9.47 -13.45
N LEU C 94 0.78 8.81 -12.62
CA LEU C 94 -0.66 8.76 -12.84
C LEU C 94 -1.27 10.16 -12.77
N GLN C 95 -0.74 10.98 -11.86
CA GLN C 95 -1.20 12.35 -11.74
C GLN C 95 -0.91 13.18 -13.00
N MET C 96 0.32 13.07 -13.52
CA MET C 96 0.70 13.71 -14.79
C MET C 96 -0.05 13.16 -16.00
N HIS C 97 -0.46 11.90 -15.91
CA HIS C 97 -1.26 11.29 -16.95
C HIS C 97 -2.66 11.91 -17.00
N GLN C 98 -3.20 12.21 -15.82
CA GLN C 98 -4.57 12.70 -15.67
C GLN C 98 -4.75 14.20 -15.87
N ASN C 99 -3.71 14.99 -15.60
CA ASN C 99 -3.82 16.44 -15.79
C ASN C 99 -3.07 16.99 -17.02
N GLY C 100 -2.75 16.11 -17.96
CA GLY C 100 -2.13 16.55 -19.21
C GLY C 100 -0.66 16.89 -19.10
N ASP C 101 -0.10 16.82 -17.90
CA ASP C 101 1.31 17.14 -17.69
C ASP C 101 2.30 16.22 -18.37
N LEU C 102 1.98 14.92 -18.42
CA LEU C 102 2.87 13.95 -19.05
C LEU C 102 2.95 14.18 -20.55
N VAL C 103 1.81 14.45 -21.18
CA VAL C 103 1.76 14.82 -22.61
C VAL C 103 2.71 15.98 -22.91
N GLU C 104 2.75 16.98 -22.02
CA GLU C 104 3.63 18.12 -22.24
C GLU C 104 5.11 17.77 -22.00
N GLU C 105 5.37 16.99 -20.98
CA GLU C 105 6.72 16.49 -20.73
C GLU C 105 7.23 15.63 -21.87
N LEU C 106 6.34 14.81 -22.42
CA LEU C 106 6.64 14.02 -23.61
C LEU C 106 6.88 14.90 -24.84
N LYS C 107 6.02 15.89 -25.04
CA LYS C 107 6.22 16.84 -26.14
C LYS C 107 7.59 17.52 -26.06
N LYS C 108 8.02 17.89 -24.86
CA LYS C 108 9.35 18.47 -24.61
C LYS C 108 10.53 17.60 -25.02
N LEU C 109 10.36 16.29 -24.97
CA LEU C 109 11.43 15.36 -25.35
C LEU C 109 11.43 15.00 -26.85
N GLY C 110 10.46 15.58 -27.58
CA GLY C 110 10.31 15.34 -29.01
C GLY C 110 9.50 14.09 -29.27
N ILE C 111 8.68 13.72 -28.28
CA ILE C 111 7.91 12.47 -28.32
C ILE C 111 6.42 12.79 -28.45
N HIS C 112 5.84 12.42 -29.59
CA HIS C 112 4.42 12.59 -29.79
C HIS C 112 3.63 11.54 -29.02
N SER C 113 2.85 11.97 -28.05
CA SER C 113 1.98 11.08 -27.26
C SER C 113 0.78 10.62 -28.08
N ALA C 114 0.42 9.35 -27.92
CA ALA C 114 -0.73 8.75 -28.62
C ALA C 114 -2.08 9.36 -28.19
N LEU C 115 -2.11 10.00 -27.03
CA LEU C 115 -3.35 10.61 -26.53
C LEU C 115 -3.55 12.03 -27.07
N LEU C 116 -2.77 12.39 -28.08
CA LEU C 116 -2.82 13.73 -28.69
C LEU C 116 -3.28 13.68 -30.14
N SER D 9 -0.93 -27.14 -9.23
CA SER D 9 -2.04 -28.07 -8.91
C SER D 9 -2.36 -28.03 -7.43
N ALA D 10 -3.65 -28.01 -7.10
CA ALA D 10 -4.12 -28.05 -5.74
C ALA D 10 -3.52 -29.26 -4.99
N GLU D 11 -3.35 -30.37 -5.69
CA GLU D 11 -2.81 -31.58 -5.07
C GLU D 11 -1.32 -31.48 -4.72
N GLN D 12 -0.52 -30.85 -5.60
CA GLN D 12 0.90 -30.61 -5.31
C GLN D 12 1.09 -29.60 -4.18
N LEU D 13 0.27 -28.56 -4.14
CA LEU D 13 0.38 -27.53 -3.09
C LEU D 13 -0.14 -28.02 -1.75
N ASP D 14 -1.11 -28.92 -1.80
CA ASP D 14 -1.63 -29.58 -0.64
C ASP D 14 -0.50 -30.33 0.07
N ALA D 15 0.20 -31.17 -0.70
CA ALA D 15 1.42 -31.83 -0.23
C ALA D 15 2.43 -30.82 0.35
N LEU D 16 2.69 -29.74 -0.39
CA LEU D 16 3.72 -28.77 0.04
C LEU D 16 3.45 -28.18 1.40
N VAL D 17 2.20 -27.78 1.64
CA VAL D 17 1.87 -27.08 2.87
C VAL D 17 1.70 -28.03 4.05
N LYS D 18 1.55 -29.32 3.76
CA LYS D 18 1.43 -30.34 4.83
C LYS D 18 2.80 -30.87 5.20
N LYS D 19 3.78 -30.49 4.40
CA LYS D 19 5.12 -31.07 4.45
C LYS D 19 5.94 -30.49 5.61
N ASP D 20 5.66 -29.24 5.97
CA ASP D 20 6.29 -28.57 7.12
C ASP D 20 5.20 -27.88 7.96
N LYS D 21 5.45 -27.74 9.27
CA LYS D 21 4.53 -27.01 10.17
C LYS D 21 4.34 -25.57 9.72
N VAL D 22 5.46 -24.93 9.36
CA VAL D 22 5.45 -23.54 8.95
C VAL D 22 5.88 -23.43 7.49
N VAL D 23 4.98 -22.89 6.68
CA VAL D 23 5.19 -22.78 5.25
C VAL D 23 4.82 -21.36 4.76
N VAL D 24 5.74 -20.70 4.08
CA VAL D 24 5.50 -19.34 3.58
C VAL D 24 5.82 -19.25 2.09
N PHE D 25 5.08 -18.41 1.41
CA PHE D 25 5.29 -18.14 0.00
C PHE D 25 5.62 -16.66 -0.07
N LEU D 26 6.77 -16.34 -0.66
CA LEU D 26 7.34 -14.98 -0.64
C LEU D 26 7.75 -14.50 -2.00
N LYS D 27 7.91 -13.19 -2.11
CA LYS D 27 8.69 -12.62 -3.20
C LYS D 27 10.12 -12.48 -2.68
N GLY D 28 11.03 -13.27 -3.25
CA GLY D 28 12.40 -13.33 -2.78
C GLY D 28 12.60 -14.54 -1.87
N THR D 29 13.67 -14.49 -1.09
CA THR D 29 13.95 -15.53 -0.12
C THR D 29 14.11 -14.87 1.26
N PRO D 30 14.04 -15.64 2.35
CA PRO D 30 14.32 -15.12 3.70
C PRO D 30 15.66 -14.39 3.84
N GLU D 31 16.66 -14.79 3.06
CA GLU D 31 18.01 -14.20 3.07
C GLU D 31 18.12 -12.98 2.14
N GLN D 32 17.15 -12.84 1.25
CA GLN D 32 17.10 -11.72 0.32
C GLN D 32 15.65 -11.44 -0.11
N PRO D 33 14.88 -10.77 0.75
CA PRO D 33 13.50 -10.53 0.36
C PRO D 33 13.42 -9.44 -0.71
N GLN D 34 12.35 -9.44 -1.51
CA GLN D 34 12.25 -8.51 -2.66
C GLN D 34 11.03 -7.58 -2.55
N CYS D 35 10.42 -7.58 -1.37
CA CYS D 35 9.26 -6.79 -1.15
C CYS D 35 9.02 -6.69 0.33
N GLY D 36 8.76 -5.46 0.79
CA GLY D 36 8.51 -5.16 2.19
C GLY D 36 7.41 -6.01 2.81
N PHE D 37 6.36 -6.32 2.03
CA PHE D 37 5.31 -7.23 2.52
C PHE D 37 5.87 -8.61 2.83
N SER D 38 6.75 -9.12 1.98
CA SER D 38 7.31 -10.42 2.22
C SER D 38 8.34 -10.34 3.34
N ASN D 39 9.10 -9.25 3.41
CA ASN D 39 10.08 -9.03 4.49
C ASN D 39 9.42 -8.95 5.89
N ALA D 40 8.22 -8.40 5.96
CA ALA D 40 7.52 -8.29 7.23
C ALA D 40 7.24 -9.68 7.86
N VAL D 41 6.77 -10.63 7.04
CA VAL D 41 6.62 -12.03 7.45
C VAL D 41 7.97 -12.59 7.93
N VAL D 42 9.02 -12.37 7.15
CA VAL D 42 10.35 -12.89 7.50
C VAL D 42 10.85 -12.35 8.85
N GLN D 43 10.66 -11.05 9.07
CA GLN D 43 11.13 -10.40 10.30
C GLN D 43 10.29 -10.80 11.52
N ILE D 44 8.97 -10.95 11.33
CA ILE D 44 8.12 -11.46 12.40
C ILE D 44 8.59 -12.86 12.84
N LEU D 45 8.78 -13.75 11.87
CA LEU D 45 9.24 -15.13 12.16
C LEU D 45 10.63 -15.14 12.79
N ARG D 46 11.49 -14.23 12.35
CA ARG D 46 12.80 -14.07 12.97
C ARG D 46 12.70 -13.62 14.45
N LEU D 47 11.78 -12.72 14.75
CA LEU D 47 11.60 -12.24 16.12
C LEU D 47 11.15 -13.36 17.08
N HIS D 48 10.26 -14.22 16.60
CA HIS D 48 9.80 -15.41 17.34
C HIS D 48 10.81 -16.55 17.32
N GLY D 49 11.84 -16.42 16.50
CA GLY D 49 12.89 -17.42 16.43
C GLY D 49 12.42 -18.67 15.73
N VAL D 50 11.58 -18.51 14.71
CA VAL D 50 11.10 -19.65 13.94
C VAL D 50 12.06 -19.85 12.78
N ARG D 51 13.05 -20.70 13.02
CA ARG D 51 14.18 -20.91 12.12
C ARG D 51 13.87 -21.77 10.90
N ASP D 52 13.20 -22.90 11.12
CA ASP D 52 13.01 -23.89 10.04
C ASP D 52 11.58 -23.86 9.56
N TYR D 53 11.37 -23.13 8.47
CA TYR D 53 10.09 -23.09 7.83
C TYR D 53 10.42 -23.19 6.36
N ALA D 54 9.55 -23.81 5.58
CA ALA D 54 9.81 -23.87 4.16
C ALA D 54 9.39 -22.52 3.57
N ALA D 55 10.25 -21.96 2.72
CA ALA D 55 9.97 -20.67 2.11
C ALA D 55 10.11 -20.88 0.63
N TYR D 56 9.09 -20.48 -0.12
CA TYR D 56 9.04 -20.66 -1.58
C TYR D 56 8.94 -19.29 -2.23
N ASN D 57 9.88 -19.03 -3.14
CA ASN D 57 10.00 -17.78 -3.87
C ASN D 57 9.14 -17.81 -5.14
N VAL D 58 8.04 -17.08 -5.13
CA VAL D 58 7.09 -17.12 -6.24
C VAL D 58 7.60 -16.43 -7.51
N LEU D 59 8.63 -15.58 -7.38
CA LEU D 59 9.21 -14.89 -8.54
C LEU D 59 9.95 -15.83 -9.48
N ASP D 60 10.31 -17.00 -8.97
CA ASP D 60 10.97 -18.02 -9.78
C ASP D 60 10.02 -18.86 -10.64
N ASP D 61 8.75 -18.94 -10.21
CA ASP D 61 7.81 -19.90 -10.73
C ASP D 61 6.44 -19.22 -10.97
N PRO D 62 6.13 -18.88 -12.23
CA PRO D 62 4.84 -18.24 -12.53
C PRO D 62 3.63 -19.12 -12.18
N GLU D 63 3.80 -20.44 -12.33
CA GLU D 63 2.74 -21.41 -12.08
C GLU D 63 2.46 -21.66 -10.60
N LEU D 64 3.50 -21.64 -9.77
CA LEU D 64 3.36 -21.69 -8.32
C LEU D 64 2.67 -20.43 -7.81
N ARG D 65 3.09 -19.30 -8.34
CA ARG D 65 2.50 -18.02 -8.03
C ARG D 65 0.97 -17.99 -8.24
N GLN D 66 0.51 -18.44 -9.41
CA GLN D 66 -0.94 -18.52 -9.65
C GLN D 66 -1.57 -19.69 -8.87
N GLY D 67 -0.90 -20.85 -8.87
CA GLY D 67 -1.38 -22.03 -8.18
C GLY D 67 -1.72 -21.76 -6.73
N ILE D 68 -0.85 -21.03 -6.05
CA ILE D 68 -1.02 -20.76 -4.61
C ILE D 68 -2.19 -19.79 -4.33
N LYS D 69 -2.40 -18.82 -5.23
CA LYS D 69 -3.55 -17.94 -5.15
C LYS D 69 -4.87 -18.70 -5.32
N ASP D 70 -4.92 -19.62 -6.30
CA ASP D 70 -6.08 -20.48 -6.55
C ASP D 70 -6.34 -21.44 -5.38
N TYR D 71 -5.28 -22.09 -4.90
CA TYR D 71 -5.38 -23.00 -3.77
C TYR D 71 -5.89 -22.30 -2.50
N SER D 72 -5.29 -21.17 -2.17
CA SER D 72 -5.66 -20.37 -0.99
C SER D 72 -6.97 -19.58 -1.13
N ASN D 73 -7.36 -19.29 -2.36
CA ASN D 73 -8.43 -18.34 -2.64
C ASN D 73 -8.10 -16.92 -2.08
N TRP D 74 -6.81 -16.59 -2.14
CA TRP D 74 -6.22 -15.38 -1.58
C TRP D 74 -5.37 -14.75 -2.70
N PRO D 75 -5.54 -13.44 -2.96
CA PRO D 75 -4.99 -12.88 -4.20
C PRO D 75 -3.51 -12.48 -4.21
N THR D 76 -2.89 -12.42 -3.05
CA THR D 76 -1.58 -11.74 -2.94
C THR D 76 -0.50 -12.57 -2.24
N ILE D 77 0.72 -12.06 -2.32
CA ILE D 77 1.92 -12.66 -1.70
C ILE D 77 2.44 -11.61 -0.71
N PRO D 78 2.86 -12.01 0.51
CA PRO D 78 3.18 -13.35 1.03
C PRO D 78 1.97 -14.11 1.47
N GLN D 79 2.11 -15.44 1.55
CA GLN D 79 1.11 -16.31 2.21
C GLN D 79 1.75 -17.18 3.29
N VAL D 80 1.10 -17.22 4.45
CA VAL D 80 1.58 -17.98 5.60
C VAL D 80 0.64 -19.14 5.90
N TYR D 81 1.24 -20.31 6.09
CA TYR D 81 0.54 -21.53 6.43
C TYR D 81 1.11 -22.14 7.72
N LEU D 82 0.21 -22.51 8.63
CA LEU D 82 0.56 -23.20 9.87
C LEU D 82 -0.23 -24.49 9.93
N ASN D 83 0.48 -25.60 10.11
CA ASN D 83 -0.16 -26.91 10.17
C ASN D 83 -0.98 -27.22 8.94
N GLY D 84 -0.52 -26.75 7.78
CA GLY D 84 -1.22 -27.02 6.53
C GLY D 84 -2.45 -26.15 6.32
N GLU D 85 -2.69 -25.26 7.25
CA GLU D 85 -3.83 -24.37 7.20
C GLU D 85 -3.37 -22.95 6.85
N PHE D 86 -4.10 -22.32 5.93
CA PHE D 86 -3.87 -20.94 5.54
C PHE D 86 -4.18 -19.97 6.71
N VAL D 87 -3.26 -19.05 6.97
CA VAL D 87 -3.38 -18.13 8.11
C VAL D 87 -3.66 -16.74 7.56
N GLY D 88 -2.86 -16.32 6.59
CA GLY D 88 -3.09 -15.05 5.89
C GLY D 88 -1.83 -14.45 5.32
N GLY D 89 -1.87 -13.14 5.11
CA GLY D 89 -0.72 -12.37 4.66
C GLY D 89 -0.01 -11.64 5.78
N CYS D 90 0.73 -10.59 5.41
CA CYS D 90 1.53 -9.89 6.39
C CYS D 90 0.68 -9.12 7.39
N ASP D 91 -0.41 -8.50 6.91
CA ASP D 91 -1.34 -7.78 7.80
C ASP D 91 -1.83 -8.68 8.92
N ILE D 92 -2.34 -9.88 8.56
CA ILE D 92 -2.86 -10.83 9.55
C ILE D 92 -1.70 -11.28 10.45
N LEU D 93 -0.55 -11.62 9.85
CA LEU D 93 0.59 -12.06 10.68
C LEU D 93 1.02 -11.01 11.70
N LEU D 94 1.05 -9.74 11.29
CA LEU D 94 1.38 -8.64 12.18
C LEU D 94 0.36 -8.48 13.31
N GLN D 95 -0.92 -8.61 12.95
CA GLN D 95 -2.01 -8.52 13.93
C GLN D 95 -1.82 -9.60 14.98
N MET D 96 -1.53 -10.82 14.52
CA MET D 96 -1.24 -11.94 15.41
C MET D 96 0.01 -11.71 16.29
N HIS D 97 0.98 -11.00 15.75
CA HIS D 97 2.20 -10.69 16.48
C HIS D 97 1.90 -9.69 17.61
N GLN D 98 1.08 -8.69 17.30
CA GLN D 98 0.69 -7.65 18.25
C GLN D 98 -0.32 -8.06 19.32
N ASN D 99 -1.18 -9.05 19.05
CA ASN D 99 -2.21 -9.45 20.03
C ASN D 99 -1.93 -10.75 20.82
N GLY D 100 -0.83 -11.42 20.53
CA GLY D 100 -0.46 -12.64 21.28
C GLY D 100 -0.91 -13.93 20.63
N ASP D 101 -1.81 -13.83 19.64
CA ASP D 101 -2.34 -15.04 19.00
C ASP D 101 -1.25 -15.86 18.31
N LEU D 102 -0.18 -15.22 17.87
CA LEU D 102 0.86 -15.96 17.15
C LEU D 102 1.66 -16.81 18.11
N VAL D 103 1.97 -16.25 19.29
CA VAL D 103 2.61 -17.02 20.34
C VAL D 103 1.74 -18.25 20.69
N GLU D 104 0.42 -18.06 20.81
CA GLU D 104 -0.47 -19.18 21.19
C GLU D 104 -0.49 -20.25 20.11
N GLU D 105 -0.78 -19.86 18.86
CA GLU D 105 -0.87 -20.82 17.76
C GLU D 105 0.42 -21.61 17.62
N LEU D 106 1.56 -20.93 17.74
CA LEU D 106 2.86 -21.60 17.64
C LEU D 106 3.06 -22.64 18.76
N LYS D 107 2.68 -22.28 19.98
CA LYS D 107 2.77 -23.14 21.15
C LYS D 107 1.93 -24.44 20.98
N LYS D 108 0.66 -24.31 20.60
CA LYS D 108 -0.18 -25.47 20.27
C LYS D 108 0.41 -26.39 19.18
N LEU D 109 1.32 -25.89 18.34
CA LEU D 109 2.01 -26.73 17.36
C LEU D 109 3.41 -27.13 17.83
N GLY D 110 3.67 -26.99 19.14
CA GLY D 110 4.97 -27.41 19.70
C GLY D 110 6.14 -26.53 19.32
N ILE D 111 5.86 -25.30 18.87
CA ILE D 111 6.88 -24.30 18.60
C ILE D 111 6.97 -23.28 19.75
N HIS D 112 8.17 -23.08 20.27
CA HIS D 112 8.38 -22.19 21.40
C HIS D 112 8.93 -20.84 20.91
N SER D 113 8.05 -19.85 20.78
CA SER D 113 8.43 -18.50 20.40
C SER D 113 9.51 -17.93 21.32
N ALA D 114 10.49 -17.23 20.76
CA ALA D 114 11.53 -16.60 21.57
C ALA D 114 10.99 -15.42 22.38
N LEU D 115 9.73 -15.05 22.14
CA LEU D 115 9.10 -13.95 22.83
C LEU D 115 8.39 -14.38 24.12
N LEU D 116 8.25 -15.70 24.29
CA LEU D 116 7.77 -16.26 25.55
C LEU D 116 8.74 -16.08 26.71
N ASP D 117 10.03 -16.28 26.43
CA ASP D 117 11.13 -16.39 27.42
C ASP D 117 11.18 -17.81 28.01
#